data_4G2I
#
_entry.id   4G2I
#
_cell.length_a   44.741
_cell.length_b   51.449
_cell.length_c   132.427
_cell.angle_alpha   90.00
_cell.angle_beta   90.00
_cell.angle_gamma   90.00
#
_symmetry.space_group_name_H-M   'P 21 21 21'
#
loop_
_entity.id
_entity.type
_entity.pdbx_description
1 polymer 'Vitamin D3 receptor'
2 non-polymer (3E,5E)-6-(3-{2-[3,4-bis(hydroxymethyl)phenyl]ethyl}phenyl)-1,1,1-trifluoro-2-(trifluoromethyl)octa-3,5-dien-2-ol
3 water water
#
_entity_poly.entity_id   1
_entity_poly.type   'polypeptide(L)'
_entity_poly.pdbx_seq_one_letter_code
;DSLRPKLSEEQQRIIAILLDAHHKTYDPTYSDFCQFRPPVRVNDGGGSVTLELSQLSMLPHLADLVSYSIQKVIGFAKMI
PGFRDLTSEDQIVLLKSSAIEVIMLRSNESFTMDDMSWTCGNQDYKYRVSDVTKAGHSLELIEPLIKFQVGLKKLNLHEE
EHVLLMAICIVSPDRPGVQDAALIEAIQDRLSNTLQTYIRCRHPPPGSHLLYAKMIQKLADLRSLNEEHSKQYRCLSFQP
ECSMKLTPLVLEVFGNEIS
;
_entity_poly.pdbx_strand_id   A
#
# COMPACT_ATOMS: atom_id res chain seq x y z
N LEU A 3 13.76 -23.63 -17.60
CA LEU A 3 14.90 -23.59 -16.65
C LEU A 3 14.49 -22.99 -15.31
N ARG A 4 14.97 -23.61 -14.23
CA ARG A 4 14.67 -23.15 -12.88
C ARG A 4 15.96 -22.89 -12.11
N PRO A 5 16.65 -21.79 -12.43
CA PRO A 5 17.90 -21.48 -11.72
C PRO A 5 17.64 -21.28 -10.23
N LYS A 6 18.59 -21.66 -9.41
CA LYS A 6 18.47 -21.52 -7.98
C LYS A 6 18.72 -20.07 -7.58
N LEU A 7 18.19 -19.67 -6.43
CA LEU A 7 18.39 -18.32 -5.93
C LEU A 7 19.85 -18.16 -5.56
N SER A 8 20.48 -17.09 -6.04
CA SER A 8 21.87 -16.83 -5.72
C SER A 8 21.95 -16.46 -4.24
N GLU A 9 23.16 -16.43 -3.69
CA GLU A 9 23.32 -16.06 -2.29
C GLU A 9 22.87 -14.62 -2.11
N GLU A 10 23.12 -13.79 -3.13
CA GLU A 10 22.73 -12.39 -3.08
C GLU A 10 21.22 -12.26 -3.06
N GLN A 11 20.55 -13.08 -3.87
CA GLN A 11 19.09 -13.05 -3.92
C GLN A 11 18.49 -13.57 -2.61
N GLN A 12 19.15 -14.53 -2.00
CA GLN A 12 18.68 -15.07 -0.73
C GLN A 12 18.81 -13.99 0.34
N ARG A 13 19.88 -13.23 0.27
CA ARG A 13 20.12 -12.14 1.22
C ARG A 13 19.06 -11.07 1.05
N ILE A 14 18.76 -10.74 -0.20
CA ILE A 14 17.75 -9.73 -0.51
C ILE A 14 16.41 -10.11 0.12
N ILE A 15 15.99 -11.35 -0.09
CA ILE A 15 14.73 -11.83 0.44
C ILE A 15 14.75 -11.80 1.97
N ALA A 16 15.87 -12.19 2.56
CA ALA A 16 15.99 -12.20 4.02
C ALA A 16 15.87 -10.77 4.56
N ILE A 17 16.53 -9.83 3.89
CA ILE A 17 16.49 -8.43 4.29
C ILE A 17 15.09 -7.87 4.19
N LEU A 18 14.42 -8.11 3.07
CA LEU A 18 13.06 -7.62 2.88
C LEU A 18 12.06 -8.23 3.88
N LEU A 19 12.19 -9.52 4.15
CA LEU A 19 11.29 -10.16 5.10
C LEU A 19 11.48 -9.56 6.49
N ASP A 20 12.73 -9.34 6.86
CA ASP A 20 13.07 -8.75 8.16
C ASP A 20 12.52 -7.33 8.23
N ALA A 21 12.72 -6.58 7.15
CA ALA A 21 12.25 -5.20 7.09
C ALA A 21 10.74 -5.16 7.30
N HIS A 22 10.02 -6.08 6.64
CA HIS A 22 8.58 -6.11 6.78
C HIS A 22 8.15 -6.50 8.20
N HIS A 23 8.83 -7.48 8.79
CA HIS A 23 8.50 -7.92 10.14
C HIS A 23 8.71 -6.79 11.15
N LYS A 24 9.63 -5.90 10.87
CA LYS A 24 9.93 -4.77 11.75
C LYS A 24 9.02 -3.57 11.54
N THR A 25 8.35 -3.52 10.39
CA THR A 25 7.50 -2.38 10.07
C THR A 25 6.00 -2.66 9.91
N TYR A 26 5.61 -3.91 10.05
CA TYR A 26 4.19 -4.25 9.94
C TYR A 26 3.81 -5.08 11.17
N ASP A 27 3.03 -4.48 12.05
CA ASP A 27 2.57 -5.13 13.27
C ASP A 27 1.25 -5.86 12.99
N PRO A 28 1.28 -7.19 12.89
CA PRO A 28 0.10 -8.01 12.61
C PRO A 28 -0.95 -8.01 13.72
N THR A 29 -0.66 -7.35 14.85
CA THR A 29 -1.62 -7.27 15.93
C THR A 29 -2.32 -5.90 15.95
N TYR A 30 -1.80 -4.97 15.16
CA TYR A 30 -2.37 -3.62 15.07
C TYR A 30 -2.51 -2.99 16.46
N SER A 31 -1.53 -3.28 17.30
CA SER A 31 -1.53 -2.79 18.68
C SER A 31 -1.42 -1.28 18.87
N ASP A 32 -0.96 -0.55 17.85
CA ASP A 32 -0.83 0.89 17.96
C ASP A 32 -2.08 1.66 17.55
N PHE A 33 -3.04 0.96 16.96
CA PHE A 33 -4.27 1.59 16.47
C PHE A 33 -5.10 2.33 17.52
N CYS A 34 -4.98 1.93 18.78
CA CYS A 34 -5.73 2.58 19.84
C CYS A 34 -5.16 3.97 20.15
N GLN A 35 -3.97 4.26 19.60
CA GLN A 35 -3.31 5.54 19.83
C GLN A 35 -3.76 6.62 18.84
N PHE A 36 -4.43 6.21 17.78
CA PHE A 36 -4.90 7.14 16.76
C PHE A 36 -6.14 7.85 17.28
N ARG A 37 -6.51 8.96 16.66
CA ARG A 37 -7.73 9.64 17.06
C ARG A 37 -8.80 8.58 16.84
N PRO A 38 -9.78 8.48 17.75
CA PRO A 38 -10.84 7.48 17.66
C PRO A 38 -11.73 7.45 16.43
N PRO A 39 -12.10 6.24 15.99
CA PRO A 39 -12.97 6.16 14.83
C PRO A 39 -14.37 6.57 15.29
N VAL A 40 -15.08 7.29 14.44
CA VAL A 40 -16.43 7.72 14.76
C VAL A 40 -17.28 7.35 13.55
N ARG A 41 -18.36 6.64 13.79
CA ARG A 41 -19.23 6.21 12.71
C ARG A 41 -20.65 6.77 12.83
N VAL A 42 -20.93 7.82 12.07
CA VAL A 42 -22.24 8.46 12.08
C VAL A 42 -23.23 7.67 11.23
N ASN A 43 -24.51 7.84 11.51
CA ASN A 43 -25.55 7.15 10.76
C ASN A 43 -25.60 7.69 9.33
N ASP A 44 -25.40 6.82 8.36
CA ASP A 44 -25.41 7.21 6.96
C ASP A 44 -25.75 6.03 6.05
N GLY A 45 -26.84 5.34 6.38
CA GLY A 45 -27.25 4.20 5.59
C GLY A 45 -27.49 4.52 4.13
N GLY A 46 -27.76 5.79 3.84
CA GLY A 46 -28.02 6.19 2.47
C GLY A 46 -26.77 6.60 1.70
N GLY A 47 -25.63 6.59 2.38
CA GLY A 47 -24.39 6.98 1.72
C GLY A 47 -24.48 8.38 1.17
N SER A 48 -25.08 9.29 1.93
CA SER A 48 -25.23 10.68 1.52
C SER A 48 -23.89 11.41 1.48
N VAL A 49 -23.51 11.87 0.30
CA VAL A 49 -22.25 12.59 0.14
C VAL A 49 -22.25 13.87 0.96
N THR A 50 -23.37 14.59 0.93
CA THR A 50 -23.51 15.83 1.69
C THR A 50 -23.26 15.60 3.19
N LEU A 51 -23.85 14.54 3.73
CA LEU A 51 -23.67 14.24 5.15
C LEU A 51 -22.25 13.77 5.43
N GLU A 52 -21.71 12.94 4.55
CA GLU A 52 -20.36 12.44 4.73
C GLU A 52 -19.34 13.58 4.76
N LEU A 53 -19.51 14.55 3.86
CA LEU A 53 -18.59 15.69 3.81
C LEU A 53 -18.80 16.66 4.96
N SER A 54 -20.04 16.81 5.42
CA SER A 54 -20.31 17.71 6.52
C SER A 54 -19.74 17.18 7.84
N GLN A 55 -19.62 15.85 7.94
CA GLN A 55 -19.12 15.24 9.16
C GLN A 55 -17.70 14.65 9.08
N LEU A 56 -17.37 13.96 8.00
CA LEU A 56 -16.06 13.31 7.84
C LEU A 56 -15.68 12.64 9.16
N SER A 57 -16.64 11.93 9.74
CA SER A 57 -16.46 11.27 11.03
C SER A 57 -15.29 10.30 11.15
N MET A 58 -15.02 9.56 10.07
CA MET A 58 -13.93 8.59 10.09
C MET A 58 -12.59 9.12 9.59
N LEU A 59 -12.57 10.38 9.12
CA LEU A 59 -11.32 10.92 8.59
C LEU A 59 -10.17 11.06 9.58
N PRO A 60 -10.42 11.57 10.79
CA PRO A 60 -9.28 11.69 11.71
C PRO A 60 -8.61 10.34 11.99
N HIS A 61 -9.42 9.30 12.18
CA HIS A 61 -8.89 7.97 12.45
C HIS A 61 -8.18 7.39 11.23
N LEU A 62 -8.82 7.43 10.06
CA LEU A 62 -8.21 6.89 8.85
C LEU A 62 -6.97 7.65 8.46
N ALA A 63 -7.00 8.98 8.61
CA ALA A 63 -5.84 9.80 8.26
C ALA A 63 -4.67 9.42 9.18
N ASP A 64 -4.95 9.19 10.45
CA ASP A 64 -3.89 8.81 11.39
C ASP A 64 -3.35 7.43 11.01
N LEU A 65 -4.24 6.53 10.60
CA LEU A 65 -3.81 5.18 10.20
C LEU A 65 -2.96 5.23 8.95
N VAL A 66 -3.37 6.03 7.97
CA VAL A 66 -2.60 6.16 6.73
C VAL A 66 -1.27 6.86 7.03
N SER A 67 -1.30 7.89 7.87
CA SER A 67 -0.08 8.60 8.22
C SER A 67 0.90 7.64 8.90
N TYR A 68 0.39 6.85 9.84
CA TYR A 68 1.18 5.85 10.57
C TYR A 68 1.78 4.89 9.54
N SER A 69 0.93 4.47 8.60
CA SER A 69 1.36 3.53 7.57
C SER A 69 2.46 4.11 6.68
N ILE A 70 2.33 5.39 6.33
CA ILE A 70 3.35 6.03 5.52
C ILE A 70 4.69 6.01 6.27
N GLN A 71 4.66 6.25 7.58
CA GLN A 71 5.89 6.21 8.35
C GLN A 71 6.52 4.82 8.28
N LYS A 72 5.70 3.79 8.36
CA LYS A 72 6.21 2.41 8.30
C LYS A 72 6.77 2.10 6.92
N VAL A 73 6.13 2.62 5.88
CA VAL A 73 6.59 2.40 4.52
C VAL A 73 7.94 3.09 4.31
N ILE A 74 8.10 4.28 4.90
CA ILE A 74 9.37 4.98 4.78
C ILE A 74 10.44 4.11 5.42
N GLY A 75 10.12 3.54 6.59
CA GLY A 75 11.04 2.66 7.28
C GLY A 75 11.39 1.44 6.45
N PHE A 76 10.37 0.83 5.84
CA PHE A 76 10.56 -0.36 5.02
C PHE A 76 11.45 -0.04 3.81
N ALA A 77 11.14 1.05 3.12
CA ALA A 77 11.88 1.46 1.94
C ALA A 77 13.37 1.66 2.22
N LYS A 78 13.68 2.25 3.37
CA LYS A 78 15.07 2.50 3.74
C LYS A 78 15.88 1.22 3.86
N MET A 79 15.19 0.11 4.08
CA MET A 79 15.85 -1.19 4.21
C MET A 79 15.95 -1.95 2.90
N ILE A 80 15.32 -1.44 1.84
CA ILE A 80 15.38 -2.10 0.55
C ILE A 80 16.82 -2.00 0.04
N PRO A 81 17.45 -3.13 -0.27
CA PRO A 81 18.83 -3.12 -0.78
C PRO A 81 19.00 -2.21 -1.99
N GLY A 82 19.86 -1.20 -1.86
CA GLY A 82 20.10 -0.30 -2.97
C GLY A 82 19.36 1.02 -2.88
N PHE A 83 18.27 1.05 -2.10
CA PHE A 83 17.48 2.27 -1.97
C PHE A 83 18.32 3.43 -1.45
N ARG A 84 19.19 3.15 -0.48
CA ARG A 84 20.04 4.20 0.09
C ARG A 84 21.12 4.67 -0.86
N ASP A 85 21.27 3.98 -1.99
CA ASP A 85 22.27 4.37 -2.98
C ASP A 85 21.72 5.52 -3.83
N LEU A 86 20.42 5.73 -3.74
CA LEU A 86 19.76 6.80 -4.48
C LEU A 86 19.93 8.13 -3.76
N THR A 87 19.78 9.23 -4.48
CA THR A 87 19.90 10.55 -3.87
C THR A 87 18.66 10.77 -3.02
N SER A 88 18.74 11.69 -2.06
CA SER A 88 17.60 11.96 -1.20
C SER A 88 16.42 12.44 -2.02
N GLU A 89 16.70 13.25 -3.03
CA GLU A 89 15.66 13.77 -3.91
C GLU A 89 14.88 12.63 -4.56
N ASP A 90 15.61 11.66 -5.12
CA ASP A 90 14.95 10.52 -5.76
C ASP A 90 14.24 9.63 -4.73
N GLN A 91 14.84 9.47 -3.56
CA GLN A 91 14.22 8.66 -2.51
C GLN A 91 12.85 9.22 -2.15
N ILE A 92 12.80 10.52 -1.93
CA ILE A 92 11.56 11.19 -1.57
C ILE A 92 10.54 11.14 -2.71
N VAL A 93 11.02 11.30 -3.94
CA VAL A 93 10.12 11.25 -5.09
C VAL A 93 9.44 9.88 -5.16
N LEU A 94 10.23 8.83 -5.01
CA LEU A 94 9.70 7.46 -5.05
C LEU A 94 8.73 7.21 -3.90
N LEU A 95 9.08 7.66 -2.72
CA LEU A 95 8.24 7.48 -1.55
C LEU A 95 6.90 8.18 -1.66
N LYS A 96 6.90 9.44 -2.08
CA LYS A 96 5.66 10.20 -2.21
C LYS A 96 4.74 9.64 -3.30
N SER A 97 5.34 9.20 -4.40
CA SER A 97 4.55 8.68 -5.51
C SER A 97 4.00 7.26 -5.30
N SER A 98 4.71 6.45 -4.53
CA SER A 98 4.26 5.07 -4.31
C SER A 98 3.51 4.88 -3.00
N ALA A 99 3.58 5.88 -2.12
CA ALA A 99 2.94 5.81 -0.81
C ALA A 99 1.57 5.11 -0.75
N ILE A 100 0.56 5.67 -1.40
CA ILE A 100 -0.77 5.09 -1.32
C ILE A 100 -0.84 3.68 -1.93
N GLU A 101 -0.04 3.43 -2.96
CA GLU A 101 -0.01 2.12 -3.60
C GLU A 101 0.54 1.05 -2.66
N VAL A 102 1.65 1.38 -1.98
CA VAL A 102 2.25 0.44 -1.04
C VAL A 102 1.31 0.20 0.13
N ILE A 103 0.57 1.24 0.51
CA ILE A 103 -0.37 1.10 1.61
C ILE A 103 -1.48 0.15 1.16
N MET A 104 -1.94 0.31 -0.09
CA MET A 104 -2.98 -0.59 -0.58
C MET A 104 -2.46 -2.04 -0.57
N LEU A 105 -1.23 -2.23 -1.00
CA LEU A 105 -0.63 -3.57 -1.01
C LEU A 105 -0.47 -4.16 0.39
N ARG A 106 0.11 -3.40 1.31
CA ARG A 106 0.34 -3.92 2.64
C ARG A 106 -0.94 -4.17 3.44
N SER A 107 -1.98 -3.39 3.15
CA SER A 107 -3.24 -3.56 3.86
C SER A 107 -3.91 -4.88 3.50
N ASN A 108 -3.45 -5.52 2.44
CA ASN A 108 -4.04 -6.79 2.04
C ASN A 108 -3.88 -7.83 3.14
N GLU A 109 -2.88 -7.64 3.99
CA GLU A 109 -2.62 -8.57 5.09
C GLU A 109 -3.77 -8.56 6.11
N SER A 110 -4.43 -7.41 6.29
CA SER A 110 -5.55 -7.31 7.23
C SER A 110 -6.88 -7.53 6.53
N PHE A 111 -6.87 -7.47 5.20
CA PHE A 111 -8.10 -7.67 4.45
C PHE A 111 -8.56 -9.12 4.57
N THR A 112 -9.86 -9.32 4.72
CA THR A 112 -10.40 -10.66 4.81
C THR A 112 -11.60 -10.83 3.90
N MET A 113 -11.64 -11.94 3.20
CA MET A 113 -12.75 -12.21 2.30
C MET A 113 -13.94 -12.80 3.05
N ASP A 114 -13.79 -12.98 4.34
CA ASP A 114 -14.88 -13.51 5.16
C ASP A 114 -16.05 -12.54 5.06
N ASP A 115 -15.76 -11.24 5.06
CA ASP A 115 -16.80 -10.22 4.98
C ASP A 115 -16.36 -8.99 4.18
N MET A 116 -15.27 -9.12 3.44
CA MET A 116 -14.75 -8.03 2.59
C MET A 116 -14.42 -6.77 3.37
N SER A 117 -13.64 -6.91 4.43
CA SER A 117 -13.25 -5.76 5.24
C SER A 117 -11.80 -5.88 5.64
N TRP A 118 -11.25 -4.80 6.17
CA TRP A 118 -9.90 -4.78 6.68
C TRP A 118 -10.15 -4.94 8.17
N THR A 119 -9.89 -6.13 8.70
CA THR A 119 -10.13 -6.40 10.11
C THR A 119 -8.86 -6.27 10.92
N CYS A 120 -8.81 -5.25 11.77
CA CYS A 120 -7.64 -5.00 12.60
C CYS A 120 -7.95 -5.06 14.08
N GLY A 121 -8.99 -5.80 14.45
CA GLY A 121 -9.34 -5.92 15.85
C GLY A 121 -10.83 -6.12 16.05
N ASN A 122 -11.35 -5.59 17.15
CA ASN A 122 -12.78 -5.72 17.41
C ASN A 122 -13.56 -4.83 16.45
N GLN A 123 -14.88 -4.77 16.64
CA GLN A 123 -15.76 -3.99 15.80
C GLN A 123 -15.19 -2.59 15.53
N ASP A 124 -14.65 -1.96 16.57
CA ASP A 124 -14.11 -0.61 16.46
C ASP A 124 -13.04 -0.47 15.37
N TYR A 125 -12.18 -1.47 15.24
CA TYR A 125 -11.12 -1.42 14.24
C TYR A 125 -11.32 -2.32 13.03
N LYS A 126 -12.58 -2.46 12.63
CA LYS A 126 -12.93 -3.24 11.45
C LYS A 126 -13.36 -2.17 10.47
N TYR A 127 -12.70 -2.13 9.31
CA TYR A 127 -13.01 -1.11 8.33
C TYR A 127 -13.68 -1.66 7.08
N ARG A 128 -14.92 -1.21 6.85
CA ARG A 128 -15.70 -1.64 5.69
C ARG A 128 -15.82 -0.50 4.68
N VAL A 129 -16.43 -0.78 3.55
CA VAL A 129 -16.64 0.22 2.51
C VAL A 129 -17.32 1.45 3.09
N SER A 130 -18.28 1.21 3.98
CA SER A 130 -19.03 2.30 4.61
C SER A 130 -18.16 3.22 5.46
N ASP A 131 -17.11 2.66 6.06
CA ASP A 131 -16.21 3.46 6.89
C ASP A 131 -15.35 4.36 6.01
N VAL A 132 -14.96 3.86 4.85
CA VAL A 132 -14.12 4.65 3.96
C VAL A 132 -14.93 5.78 3.34
N THR A 133 -16.23 5.56 3.15
CA THR A 133 -17.07 6.62 2.58
C THR A 133 -17.30 7.69 3.66
N LYS A 134 -17.26 7.28 4.93
CA LYS A 134 -17.44 8.22 6.03
C LYS A 134 -16.20 9.08 6.22
N ALA A 135 -15.14 8.76 5.48
CA ALA A 135 -13.91 9.53 5.55
C ALA A 135 -13.83 10.50 4.37
N GLY A 136 -14.86 10.50 3.52
CA GLY A 136 -14.86 11.43 2.40
C GLY A 136 -14.64 10.85 1.01
N HIS A 137 -14.38 9.56 0.91
CA HIS A 137 -14.15 8.92 -0.38
C HIS A 137 -15.45 8.39 -1.00
N SER A 138 -15.45 8.26 -2.32
CA SER A 138 -16.63 7.76 -3.02
C SER A 138 -16.41 6.37 -3.59
N LEU A 139 -17.51 5.72 -3.98
CA LEU A 139 -17.47 4.38 -4.52
C LEU A 139 -16.58 4.22 -5.75
N GLU A 140 -16.34 5.32 -6.47
CA GLU A 140 -15.49 5.28 -7.66
C GLU A 140 -14.08 4.81 -7.30
N LEU A 141 -13.71 4.94 -6.03
CA LEU A 141 -12.40 4.50 -5.58
C LEU A 141 -12.52 3.21 -4.77
N ILE A 142 -13.44 3.22 -3.81
CA ILE A 142 -13.62 2.07 -2.93
C ILE A 142 -13.98 0.74 -3.60
N GLU A 143 -14.96 0.77 -4.51
CA GLU A 143 -15.35 -0.47 -5.17
C GLU A 143 -14.18 -1.11 -5.92
N PRO A 144 -13.46 -0.32 -6.73
CA PRO A 144 -12.32 -0.89 -7.47
C PRO A 144 -11.24 -1.35 -6.49
N LEU A 145 -11.11 -0.64 -5.36
CA LEU A 145 -10.10 -1.01 -4.37
C LEU A 145 -10.43 -2.38 -3.78
N ILE A 146 -11.70 -2.61 -3.46
CA ILE A 146 -12.13 -3.90 -2.90
C ILE A 146 -11.85 -5.01 -3.92
N LYS A 147 -12.17 -4.73 -5.18
CA LYS A 147 -11.95 -5.72 -6.25
C LYS A 147 -10.46 -6.04 -6.31
N PHE A 148 -9.63 -5.01 -6.17
CA PHE A 148 -8.19 -5.18 -6.20
C PHE A 148 -7.73 -6.06 -5.02
N GLN A 149 -8.25 -5.78 -3.82
CA GLN A 149 -7.90 -6.55 -2.63
C GLN A 149 -8.25 -8.02 -2.78
N VAL A 150 -9.44 -8.29 -3.30
CA VAL A 150 -9.86 -9.68 -3.49
C VAL A 150 -8.95 -10.37 -4.52
N GLY A 151 -8.66 -9.69 -5.62
CA GLY A 151 -7.81 -10.25 -6.64
C GLY A 151 -6.42 -10.57 -6.11
N LEU A 152 -5.90 -9.67 -5.27
CA LEU A 152 -4.58 -9.85 -4.68
C LEU A 152 -4.61 -11.02 -3.71
N LYS A 153 -5.67 -11.10 -2.92
CA LYS A 153 -5.84 -12.17 -1.95
C LYS A 153 -5.78 -13.53 -2.64
N LYS A 154 -6.48 -13.62 -3.76
CA LYS A 154 -6.57 -14.85 -4.53
C LYS A 154 -5.26 -15.33 -5.14
N LEU A 155 -4.25 -14.47 -5.18
CA LEU A 155 -2.97 -14.88 -5.72
C LEU A 155 -2.27 -15.75 -4.69
N ASN A 156 -2.75 -15.72 -3.45
CA ASN A 156 -2.17 -16.51 -2.36
C ASN A 156 -0.65 -16.36 -2.34
N LEU A 157 -0.19 -15.13 -2.31
CA LEU A 157 1.25 -14.86 -2.32
C LEU A 157 1.98 -15.33 -1.06
N HIS A 158 3.21 -15.77 -1.26
CA HIS A 158 4.05 -16.18 -0.14
C HIS A 158 4.49 -14.84 0.42
N GLU A 159 4.90 -14.78 1.67
CA GLU A 159 5.35 -13.52 2.25
C GLU A 159 6.53 -12.98 1.44
N GLU A 160 7.37 -13.89 0.96
CA GLU A 160 8.53 -13.50 0.17
C GLU A 160 8.10 -12.73 -1.09
N GLU A 161 7.06 -13.22 -1.75
CA GLU A 161 6.54 -12.57 -2.95
C GLU A 161 5.87 -11.25 -2.58
N HIS A 162 5.18 -11.24 -1.44
CA HIS A 162 4.49 -10.04 -0.98
C HIS A 162 5.46 -8.88 -0.73
N VAL A 163 6.55 -9.14 -0.02
CA VAL A 163 7.51 -8.07 0.28
C VAL A 163 8.29 -7.63 -0.95
N LEU A 164 8.53 -8.57 -1.87
CA LEU A 164 9.23 -8.23 -3.10
C LEU A 164 8.35 -7.33 -3.95
N LEU A 165 7.05 -7.61 -3.97
CA LEU A 165 6.11 -6.80 -4.75
C LEU A 165 6.07 -5.38 -4.20
N MET A 166 6.09 -5.23 -2.88
CA MET A 166 6.08 -3.89 -2.30
C MET A 166 7.37 -3.15 -2.64
N ALA A 167 8.49 -3.85 -2.62
CA ALA A 167 9.78 -3.23 -2.94
C ALA A 167 9.80 -2.79 -4.40
N ILE A 168 9.34 -3.67 -5.28
CA ILE A 168 9.30 -3.37 -6.71
C ILE A 168 8.39 -2.17 -6.98
N CYS A 169 7.29 -2.09 -6.23
CA CYS A 169 6.36 -0.99 -6.39
C CYS A 169 7.06 0.34 -6.07
N ILE A 170 7.76 0.36 -4.94
CA ILE A 170 8.47 1.56 -4.50
C ILE A 170 9.58 1.99 -5.43
N VAL A 171 10.42 1.04 -5.84
CA VAL A 171 11.55 1.35 -6.72
C VAL A 171 11.15 1.30 -8.19
N SER A 172 10.29 2.22 -8.60
CA SER A 172 9.82 2.27 -9.99
C SER A 172 10.48 3.42 -10.73
N PRO A 173 11.17 3.10 -11.84
CA PRO A 173 11.84 4.14 -12.63
C PRO A 173 10.88 5.07 -13.36
N ASP A 174 9.64 4.62 -13.54
CA ASP A 174 8.64 5.44 -14.21
C ASP A 174 7.73 6.18 -13.25
N ARG A 175 8.32 7.12 -12.53
CA ARG A 175 7.60 7.98 -11.59
C ARG A 175 8.01 9.38 -12.00
N PRO A 176 7.04 10.30 -12.12
CA PRO A 176 7.37 11.67 -12.51
C PRO A 176 8.31 12.36 -11.52
N GLY A 177 9.33 13.05 -12.04
CA GLY A 177 10.26 13.75 -11.18
C GLY A 177 11.55 13.02 -10.85
N VAL A 178 11.68 11.76 -11.29
CA VAL A 178 12.89 11.01 -11.01
C VAL A 178 14.06 11.51 -11.86
N GLN A 179 15.26 11.51 -11.29
CA GLN A 179 16.43 11.97 -12.01
C GLN A 179 17.23 10.82 -12.59
N ASP A 180 17.74 9.94 -11.72
CA ASP A 180 18.53 8.80 -12.16
C ASP A 180 17.67 7.56 -12.39
N ALA A 181 16.90 7.59 -13.48
CA ALA A 181 16.02 6.47 -13.81
C ALA A 181 16.79 5.18 -14.04
N ALA A 182 17.98 5.28 -14.63
CA ALA A 182 18.79 4.10 -14.91
C ALA A 182 19.18 3.36 -13.63
N LEU A 183 19.56 4.10 -12.60
CA LEU A 183 19.95 3.49 -11.34
C LEU A 183 18.73 2.84 -10.68
N ILE A 184 17.61 3.55 -10.72
CA ILE A 184 16.39 3.03 -10.12
C ILE A 184 15.97 1.74 -10.85
N GLU A 185 16.08 1.76 -12.16
CA GLU A 185 15.72 0.59 -12.96
C GLU A 185 16.63 -0.60 -12.65
N ALA A 186 17.89 -0.32 -12.36
CA ALA A 186 18.85 -1.37 -12.05
C ALA A 186 18.45 -2.03 -10.74
N ILE A 187 18.07 -1.22 -9.76
CA ILE A 187 17.66 -1.74 -8.46
C ILE A 187 16.38 -2.56 -8.64
N GLN A 188 15.42 -2.02 -9.37
CA GLN A 188 14.16 -2.72 -9.58
C GLN A 188 14.39 -4.03 -10.31
N ASP A 189 15.27 -4.02 -11.33
CA ASP A 189 15.55 -5.23 -12.09
C ASP A 189 16.14 -6.31 -11.20
N ARG A 190 16.98 -5.91 -10.24
CA ARG A 190 17.58 -6.87 -9.33
C ARG A 190 16.47 -7.51 -8.49
N LEU A 191 15.51 -6.69 -8.08
CA LEU A 191 14.37 -7.16 -7.29
C LEU A 191 13.42 -8.03 -8.11
N SER A 192 13.13 -7.61 -9.34
CA SER A 192 12.23 -8.36 -10.20
C SER A 192 12.82 -9.72 -10.57
N ASN A 193 14.13 -9.77 -10.80
CA ASN A 193 14.77 -11.02 -11.14
C ASN A 193 14.73 -11.96 -9.93
N THR A 194 14.85 -11.39 -8.74
CA THR A 194 14.79 -12.19 -7.53
C THR A 194 13.39 -12.78 -7.42
N LEU A 195 12.38 -11.96 -7.68
CA LEU A 195 10.99 -12.43 -7.60
C LEU A 195 10.69 -13.51 -8.63
N GLN A 196 11.14 -13.32 -9.86
CA GLN A 196 10.90 -14.30 -10.92
C GLN A 196 11.59 -15.62 -10.60
N THR A 197 12.83 -15.53 -10.10
CA THR A 197 13.60 -16.72 -9.75
C THR A 197 12.92 -17.44 -8.59
N TYR A 198 12.47 -16.69 -7.59
CA TYR A 198 11.79 -17.28 -6.44
C TYR A 198 10.52 -18.03 -6.84
N ILE A 199 9.70 -17.40 -7.68
CA ILE A 199 8.47 -18.05 -8.11
C ILE A 199 8.74 -19.36 -8.85
N ARG A 200 9.73 -19.33 -9.75
CA ARG A 200 10.07 -20.50 -10.54
C ARG A 200 10.63 -21.70 -9.77
N CYS A 201 11.30 -21.46 -8.65
CA CYS A 201 11.85 -22.58 -7.90
C CYS A 201 11.30 -22.79 -6.50
N ARG A 202 10.42 -21.91 -6.04
CA ARG A 202 9.85 -22.05 -4.70
C ARG A 202 8.33 -22.06 -4.64
N HIS A 203 7.67 -21.58 -5.68
CA HIS A 203 6.22 -21.55 -5.68
C HIS A 203 5.66 -22.77 -6.41
N PRO A 204 4.98 -23.66 -5.67
CA PRO A 204 4.39 -24.87 -6.25
C PRO A 204 3.17 -24.62 -7.14
N PRO A 205 2.93 -25.51 -8.12
CA PRO A 205 1.80 -25.40 -9.04
C PRO A 205 0.50 -25.80 -8.36
N PRO A 206 -0.64 -25.40 -8.93
CA PRO A 206 -0.75 -24.60 -10.14
C PRO A 206 -0.44 -23.12 -9.85
N GLY A 207 0.67 -22.64 -10.37
CA GLY A 207 1.05 -21.25 -10.15
C GLY A 207 2.54 -21.04 -10.26
N SER A 208 3.29 -22.11 -10.48
CA SER A 208 4.73 -22.04 -10.61
C SER A 208 5.07 -20.94 -11.63
N HIS A 209 4.21 -20.82 -12.65
CA HIS A 209 4.38 -19.82 -13.69
C HIS A 209 3.13 -18.95 -13.75
N LEU A 210 3.12 -18.01 -14.69
CA LEU A 210 1.99 -17.10 -14.87
C LEU A 210 1.79 -16.15 -13.69
N LEU A 211 2.25 -16.55 -12.51
CA LEU A 211 2.10 -15.72 -11.32
C LEU A 211 2.80 -14.37 -11.45
N TYR A 212 4.02 -14.38 -11.99
CA TYR A 212 4.77 -13.15 -12.16
C TYR A 212 4.00 -12.12 -12.99
N ALA A 213 3.44 -12.56 -14.11
CA ALA A 213 2.68 -11.66 -14.97
C ALA A 213 1.47 -11.10 -14.23
N LYS A 214 0.81 -11.94 -13.43
CA LYS A 214 -0.35 -11.50 -12.67
C LYS A 214 0.06 -10.45 -11.64
N MET A 215 1.23 -10.63 -11.06
CA MET A 215 1.73 -9.70 -10.05
C MET A 215 2.05 -8.35 -10.69
N ILE A 216 2.69 -8.38 -11.85
CA ILE A 216 3.02 -7.14 -12.54
C ILE A 216 1.74 -6.42 -12.95
N GLN A 217 0.69 -7.17 -13.27
CA GLN A 217 -0.58 -6.56 -13.65
C GLN A 217 -1.18 -5.83 -12.44
N LYS A 218 -0.93 -6.35 -11.24
CA LYS A 218 -1.44 -5.71 -10.03
C LYS A 218 -0.78 -4.34 -9.86
N LEU A 219 0.47 -4.23 -10.29
CA LEU A 219 1.19 -2.96 -10.18
C LEU A 219 0.59 -1.94 -11.12
N ALA A 220 0.11 -2.40 -12.27
CA ALA A 220 -0.52 -1.52 -13.24
C ALA A 220 -1.86 -1.06 -12.67
N ASP A 221 -2.57 -1.98 -12.02
CA ASP A 221 -3.85 -1.70 -11.40
C ASP A 221 -3.69 -0.60 -10.35
N LEU A 222 -2.61 -0.71 -9.57
CA LEU A 222 -2.32 0.26 -8.52
C LEU A 222 -2.14 1.68 -9.06
N ARG A 223 -1.60 1.80 -10.27
CA ARG A 223 -1.40 3.10 -10.89
C ARG A 223 -2.75 3.80 -11.07
N SER A 224 -3.75 3.03 -11.51
CA SER A 224 -5.09 3.58 -11.73
C SER A 224 -5.73 3.96 -10.40
N LEU A 225 -5.53 3.13 -9.39
CA LEU A 225 -6.09 3.41 -8.08
C LEU A 225 -5.42 4.65 -7.50
N ASN A 226 -4.12 4.79 -7.76
CA ASN A 226 -3.35 5.93 -7.28
C ASN A 226 -3.94 7.22 -7.87
N GLU A 227 -4.19 7.20 -9.17
CA GLU A 227 -4.75 8.35 -9.86
C GLU A 227 -6.12 8.72 -9.31
N GLU A 228 -6.97 7.72 -9.11
CA GLU A 228 -8.31 7.99 -8.59
C GLU A 228 -8.21 8.53 -7.16
N HIS A 229 -7.31 7.98 -6.37
CA HIS A 229 -7.17 8.47 -4.99
C HIS A 229 -6.75 9.93 -4.97
N SER A 230 -5.83 10.30 -5.86
CA SER A 230 -5.36 11.67 -5.93
C SER A 230 -6.51 12.64 -6.23
N LYS A 231 -7.40 12.23 -7.13
CA LYS A 231 -8.53 13.06 -7.48
C LYS A 231 -9.47 13.21 -6.29
N GLN A 232 -9.72 12.10 -5.58
CA GLN A 232 -10.59 12.13 -4.42
C GLN A 232 -9.99 12.96 -3.30
N TYR A 233 -8.68 12.86 -3.12
CA TYR A 233 -8.02 13.63 -2.07
C TYR A 233 -8.20 15.11 -2.38
N ARG A 234 -8.07 15.46 -3.66
CA ARG A 234 -8.24 16.85 -4.08
C ARG A 234 -9.61 17.35 -3.63
N CYS A 235 -10.67 16.61 -3.95
CA CYS A 235 -12.03 17.00 -3.56
C CYS A 235 -12.17 17.12 -2.06
N LEU A 236 -11.62 16.14 -1.34
CA LEU A 236 -11.69 16.16 0.11
C LEU A 236 -11.02 17.40 0.68
N SER A 237 -9.89 17.79 0.10
CA SER A 237 -9.14 18.95 0.59
C SER A 237 -9.91 20.27 0.45
N PHE A 238 -10.93 20.30 -0.41
CA PHE A 238 -11.73 21.51 -0.60
C PHE A 238 -12.71 21.72 0.54
N GLN A 239 -12.93 20.68 1.34
CA GLN A 239 -13.86 20.80 2.45
C GLN A 239 -13.24 21.65 3.56
N PRO A 240 -13.93 22.74 3.96
CA PRO A 240 -13.42 23.61 5.02
C PRO A 240 -13.09 22.84 6.29
N GLU A 241 -11.95 23.19 6.91
CA GLU A 241 -11.49 22.57 8.15
C GLU A 241 -11.00 21.13 7.99
N CYS A 242 -10.83 20.70 6.74
CA CYS A 242 -10.36 19.35 6.49
C CYS A 242 -8.91 19.14 6.92
N SER A 243 -8.10 20.18 6.81
CA SER A 243 -6.68 20.09 7.17
C SER A 243 -6.44 19.60 8.60
N MET A 244 -7.29 20.04 9.54
CA MET A 244 -7.16 19.65 10.94
C MET A 244 -7.46 18.17 11.14
N LYS A 245 -8.24 17.59 10.22
CA LYS A 245 -8.60 16.18 10.32
C LYS A 245 -7.54 15.28 9.72
N LEU A 246 -6.57 15.87 9.03
CA LEU A 246 -5.50 15.10 8.41
C LEU A 246 -4.27 15.17 9.33
N THR A 247 -3.07 15.02 8.75
CA THR A 247 -1.83 15.11 9.51
C THR A 247 -0.83 15.82 8.62
N PRO A 248 0.23 16.38 9.20
CA PRO A 248 1.24 17.09 8.40
C PRO A 248 1.86 16.18 7.34
N LEU A 249 2.08 14.92 7.68
CA LEU A 249 2.68 13.99 6.72
C LEU A 249 1.73 13.72 5.56
N VAL A 250 0.46 13.52 5.86
CA VAL A 250 -0.53 13.26 4.81
C VAL A 250 -0.68 14.47 3.89
N LEU A 251 -0.69 15.66 4.49
CA LEU A 251 -0.81 16.90 3.71
C LEU A 251 0.35 17.07 2.73
N GLU A 252 1.55 16.72 3.17
CA GLU A 252 2.71 16.86 2.30
C GLU A 252 2.76 15.83 1.19
N VAL A 253 2.47 14.57 1.52
CA VAL A 253 2.51 13.50 0.54
C VAL A 253 1.45 13.61 -0.55
N PHE A 254 0.24 13.98 -0.18
CA PHE A 254 -0.84 14.06 -1.16
C PHE A 254 -1.19 15.47 -1.62
N GLY A 255 -0.74 16.46 -0.87
CA GLY A 255 -1.03 17.84 -1.23
C GLY A 255 -0.21 18.29 -2.42
#